data_7K3I
#
_entry.id   7K3I
#
_cell.length_a   37.269
_cell.length_b   64.560
_cell.length_c   67.029
_cell.angle_alpha   90.00
_cell.angle_beta   90.00
_cell.angle_gamma   90.00
#
_symmetry.space_group_name_H-M   'P 21 21 21'
#
loop_
_entity.id
_entity.type
_entity.pdbx_description
1 polymer 'Retinol-binding protein 2'
2 non-polymer '1,3-dihydroxypropan-2-yl dodecanoate'
3 water water
#
_entity_poly.entity_id   1
_entity_poly.type   'polypeptide(L)'
_entity_poly.pdbx_seq_one_letter_code
;MTRDQNGTWEMESNENFEGYMKALDIDFATRKIAVRLTQTKVIDQDGDNFKTKTTSTFRNYDVDFTVGVEFDEYTKSLDN
RHVKALVTWEGDVLVCVQKGEKENRGWKQWIEGDKLYLELTCGDQVCRQVFKKKLVPR
;
_entity_poly.pdbx_strand_id   A
#
loop_
_chem_comp.id
_chem_comp.type
_chem_comp.name
_chem_comp.formula
VLZ non-polymer '1,3-dihydroxypropan-2-yl dodecanoate' 'C15 H30 O4'
#
# COMPACT_ATOMS: atom_id res chain seq x y z
N MET A 1 9.39 -14.05 12.54
CA MET A 1 9.70 -12.64 12.12
C MET A 1 8.66 -12.14 11.15
N THR A 2 7.52 -12.82 11.10
CA THR A 2 6.52 -12.46 10.10
C THR A 2 5.85 -11.13 10.36
N ARG A 3 5.97 -10.56 11.56
CA ARG A 3 5.41 -9.24 11.78
C ARG A 3 6.40 -8.10 11.55
N ASP A 4 7.67 -8.38 11.31
CA ASP A 4 8.68 -7.32 11.14
C ASP A 4 8.72 -6.90 9.68
N GLN A 5 8.06 -5.78 9.38
CA GLN A 5 8.00 -5.25 8.04
C GLN A 5 9.05 -4.16 7.79
N ASN A 6 9.97 -3.94 8.72
CA ASN A 6 10.98 -2.89 8.55
C ASN A 6 11.79 -3.09 7.28
N GLY A 7 12.06 -1.98 6.59
CA GLY A 7 13.10 -1.95 5.59
C GLY A 7 12.60 -1.38 4.30
N THR A 8 13.41 -1.58 3.27
CA THR A 8 13.12 -1.11 1.92
C THR A 8 12.80 -2.32 1.07
N TRP A 9 11.70 -2.23 0.33
CA TRP A 9 11.17 -3.33 -0.45
C TRP A 9 10.96 -2.85 -1.88
N GLU A 10 11.46 -3.60 -2.84
CA GLU A 10 11.42 -3.19 -4.24
CA GLU A 10 11.42 -3.19 -4.24
C GLU A 10 10.39 -4.03 -5.00
N MET A 11 9.53 -3.38 -5.74
CA MET A 11 8.44 -4.06 -6.42
C MET A 11 8.95 -5.09 -7.41
N GLU A 12 8.39 -6.30 -7.31
CA GLU A 12 8.59 -7.40 -8.24
C GLU A 12 7.40 -7.62 -9.18
N SER A 13 6.19 -7.40 -8.70
CA SER A 13 5.00 -7.61 -9.53
C SER A 13 3.90 -6.69 -9.05
N ASN A 14 2.97 -6.41 -9.95
CA ASN A 14 1.90 -5.45 -9.74
C ASN A 14 0.76 -5.92 -10.65
N GLU A 15 -0.24 -6.56 -10.06
CA GLU A 15 -1.35 -7.12 -10.80
C GLU A 15 -2.58 -6.26 -10.57
N ASN A 16 -3.18 -5.78 -11.66
CA ASN A 16 -4.46 -5.06 -11.62
C ASN A 16 -4.38 -3.75 -10.84
N PHE A 17 -3.22 -3.09 -10.84
CA PHE A 17 -3.17 -1.73 -10.33
C PHE A 17 -4.09 -0.83 -11.15
N GLU A 18 -4.23 -1.11 -12.45
CA GLU A 18 -5.17 -0.37 -13.29
C GLU A 18 -6.59 -0.43 -12.72
N GLY A 19 -7.09 -1.62 -12.40
CA GLY A 19 -8.47 -1.71 -11.92
C GLY A 19 -8.66 -1.02 -10.59
N TYR A 20 -7.70 -1.15 -9.69
CA TYR A 20 -7.76 -0.46 -8.42
C TYR A 20 -7.83 1.05 -8.64
N MET A 21 -6.95 1.58 -9.48
CA MET A 21 -6.98 3.02 -9.74
C MET A 21 -8.27 3.44 -10.40
N LYS A 22 -8.77 2.63 -11.34
CA LYS A 22 -10.03 2.97 -11.97
CA LYS A 22 -10.04 2.94 -11.98
C LYS A 22 -11.18 2.98 -10.97
N ALA A 23 -11.19 2.04 -10.03
CA ALA A 23 -12.21 2.02 -8.99
C ALA A 23 -12.16 3.25 -8.11
N LEU A 24 -10.96 3.81 -7.93
CA LEU A 24 -10.79 5.06 -7.19
C LEU A 24 -11.11 6.29 -8.03
N ASP A 25 -11.49 6.12 -9.29
CA ASP A 25 -11.81 7.22 -10.20
C ASP A 25 -10.62 8.06 -10.57
N ILE A 26 -9.39 7.55 -10.44
CA ILE A 26 -8.23 8.31 -10.86
C ILE A 26 -8.29 8.52 -12.37
N ASP A 27 -7.94 9.71 -12.82
CA ASP A 27 -8.15 10.10 -14.20
C ASP A 27 -7.29 9.28 -15.16
N PHE A 28 -7.78 9.12 -16.39
CA PHE A 28 -7.14 8.22 -17.36
C PHE A 28 -5.70 8.60 -17.66
N ALA A 29 -5.40 9.91 -17.74
CA ALA A 29 -4.03 10.30 -18.07
C ALA A 29 -3.07 9.90 -16.96
N THR A 30 -3.48 10.07 -15.70
CA THR A 30 -2.68 9.64 -14.57
C THR A 30 -2.51 8.14 -14.55
N ARG A 31 -3.59 7.39 -14.80
CA ARG A 31 -3.48 5.94 -14.80
C ARG A 31 -2.53 5.48 -15.88
N LYS A 32 -2.55 6.13 -17.03
CA LYS A 32 -1.70 5.71 -18.13
C LYS A 32 -0.22 5.76 -17.75
N ILE A 33 0.17 6.78 -16.98
CA ILE A 33 1.55 6.88 -16.50
C ILE A 33 1.78 5.89 -15.38
N ALA A 34 0.84 5.84 -14.44
CA ALA A 34 1.06 5.18 -13.17
C ALA A 34 1.06 3.65 -13.29
N VAL A 35 0.33 3.09 -14.24
CA VAL A 35 0.25 1.63 -14.31
C VAL A 35 1.61 0.99 -14.59
N ARG A 36 2.49 1.72 -15.28
CA ARG A 36 3.80 1.20 -15.67
C ARG A 36 4.84 1.27 -14.55
N LEU A 37 4.60 2.02 -13.49
CA LEU A 37 5.68 2.44 -12.61
C LEU A 37 6.08 1.33 -11.64
N THR A 38 7.38 1.16 -11.49
N THR A 38 7.37 1.22 -11.38
CA THR A 38 7.84 0.41 -10.35
CA THR A 38 7.85 0.29 -10.35
C THR A 38 7.53 1.21 -9.10
C THR A 38 7.96 1.04 -9.02
N GLN A 39 7.30 0.53 -8.00
CA GLN A 39 7.17 1.21 -6.73
C GLN A 39 8.20 0.66 -5.75
N THR A 40 8.59 1.48 -4.79
CA THR A 40 9.40 1.07 -3.67
C THR A 40 8.65 1.37 -2.38
N LYS A 41 8.71 0.45 -1.42
CA LYS A 41 8.08 0.64 -0.12
C LYS A 41 9.16 0.76 0.94
N VAL A 42 9.15 1.84 1.70
CA VAL A 42 10.07 2.05 2.81
C VAL A 42 9.24 2.07 4.08
N ILE A 43 9.52 1.14 4.99
CA ILE A 43 8.74 0.98 6.22
C ILE A 43 9.68 1.16 7.40
N ASP A 44 9.32 2.08 8.29
CA ASP A 44 9.96 2.29 9.57
C ASP A 44 8.94 1.87 10.62
N GLN A 45 9.17 0.72 11.25
CA GLN A 45 8.22 0.11 12.17
C GLN A 45 8.87 -0.03 13.54
N ASP A 46 8.24 0.55 14.56
CA ASP A 46 8.72 0.47 15.93
C ASP A 46 7.53 -0.06 16.73
N GLY A 47 7.51 -1.37 16.95
CA GLY A 47 6.37 -2.00 17.58
C GLY A 47 5.14 -1.79 16.71
N ASP A 48 4.15 -1.09 17.26
CA ASP A 48 2.91 -0.83 16.55
C ASP A 48 2.89 0.53 15.85
N ASN A 49 3.98 1.29 15.91
CA ASN A 49 4.06 2.58 15.24
C ASN A 49 4.74 2.38 13.89
N PHE A 50 4.04 2.75 12.82
CA PHE A 50 4.52 2.58 11.46
C PHE A 50 4.65 3.95 10.79
N LYS A 51 5.75 4.16 10.08
CA LYS A 51 5.89 5.29 9.17
C LYS A 51 6.24 4.68 7.83
N THR A 52 5.40 4.92 6.81
CA THR A 52 5.57 4.26 5.53
C THR A 52 5.61 5.27 4.39
N LYS A 53 6.45 4.96 3.42
CA LYS A 53 6.59 5.74 2.19
C LYS A 53 6.51 4.77 1.03
N THR A 54 5.69 5.09 0.03
CA THR A 54 5.64 4.34 -1.21
C THR A 54 6.10 5.29 -2.29
N THR A 55 7.22 5.00 -2.94
CA THR A 55 7.81 5.95 -3.85
C THR A 55 7.84 5.40 -5.28
N SER A 56 7.96 6.33 -6.22
CA SER A 56 8.09 6.01 -7.63
C SER A 56 8.75 7.20 -8.32
N THR A 57 9.05 7.04 -9.61
CA THR A 57 9.57 8.16 -10.38
C THR A 57 8.58 9.30 -10.53
N PHE A 58 7.29 9.04 -10.38
CA PHE A 58 6.22 10.01 -10.68
C PHE A 58 5.72 10.73 -9.44
N ARG A 59 5.28 9.98 -8.45
CA ARG A 59 4.69 10.51 -7.24
C ARG A 59 4.98 9.56 -6.09
N ASN A 60 4.90 10.09 -4.88
CA ASN A 60 5.07 9.29 -3.67
C ASN A 60 3.80 9.36 -2.84
N TYR A 61 3.56 8.33 -2.04
CA TYR A 61 2.44 8.30 -1.10
C TYR A 61 2.95 7.90 0.28
N ASP A 62 2.71 8.76 1.26
CA ASP A 62 3.19 8.56 2.62
C ASP A 62 2.01 8.38 3.56
N VAL A 63 2.11 7.41 4.46
CA VAL A 63 1.09 7.26 5.49
C VAL A 63 1.73 6.68 6.73
N ASP A 64 1.39 7.27 7.87
CA ASP A 64 1.88 6.88 9.17
C ASP A 64 0.67 6.52 10.02
N PHE A 65 0.83 5.54 10.90
CA PHE A 65 -0.28 5.07 11.71
C PHE A 65 0.24 4.27 12.88
N THR A 66 -0.62 4.11 13.88
CA THR A 66 -0.38 3.22 15.00
C THR A 66 -1.44 2.13 14.93
N VAL A 67 -1.01 0.89 15.06
CA VAL A 67 -1.93 -0.23 15.03
C VAL A 67 -2.96 -0.05 16.13
N GLY A 68 -4.24 -0.21 15.77
CA GLY A 68 -5.31 -0.09 16.73
C GLY A 68 -5.87 1.31 16.94
N VAL A 69 -5.34 2.32 16.28
CA VAL A 69 -5.73 3.71 16.49
C VAL A 69 -6.34 4.25 15.19
N GLU A 70 -7.67 4.45 15.17
CA GLU A 70 -8.30 5.01 13.98
C GLU A 70 -7.73 6.40 13.71
N PHE A 71 -7.54 6.71 12.43
CA PHE A 71 -6.98 7.99 12.02
C PHE A 71 -7.69 8.52 10.78
N ASP A 72 -7.53 9.82 10.56
CA ASP A 72 -8.06 10.49 9.38
C ASP A 72 -6.99 10.46 8.30
N GLU A 73 -7.15 9.57 7.32
CA GLU A 73 -6.20 9.47 6.23
C GLU A 73 -6.68 10.32 5.07
N TYR A 74 -5.80 11.13 4.52
CA TYR A 74 -6.10 11.90 3.31
C TYR A 74 -5.21 11.36 2.22
N THR A 75 -5.80 10.79 1.17
CA THR A 75 -5.01 10.01 0.21
C THR A 75 -4.37 10.88 -0.87
N LYS A 76 -3.61 11.87 -0.40
CA LYS A 76 -2.93 12.82 -1.27
C LYS A 76 -2.08 12.11 -2.32
N SER A 77 -2.23 12.52 -3.57
CA SER A 77 -1.45 12.05 -4.71
C SER A 77 -2.00 10.75 -5.27
N LEU A 78 -2.96 10.11 -4.60
N LEU A 78 -2.96 10.11 -4.61
CA LEU A 78 -3.67 8.94 -5.13
CA LEU A 78 -3.71 9.04 -5.23
C LEU A 78 -5.01 9.41 -5.70
C LEU A 78 -5.04 9.62 -5.66
N ASP A 79 -6.09 9.35 -4.90
CA ASP A 79 -7.41 9.86 -5.26
C ASP A 79 -7.83 11.08 -4.43
N ASN A 80 -7.00 11.53 -3.50
CA ASN A 80 -7.23 12.76 -2.76
C ASN A 80 -8.58 12.76 -2.06
N ARG A 81 -8.85 11.69 -1.28
CA ARG A 81 -10.07 11.56 -0.49
C ARG A 81 -9.74 11.43 0.98
N HIS A 82 -10.70 11.85 1.80
CA HIS A 82 -10.65 11.61 3.23
C HIS A 82 -11.35 10.29 3.56
N VAL A 83 -10.65 9.44 4.31
CA VAL A 83 -11.23 8.21 4.84
C VAL A 83 -10.89 8.12 6.33
N LYS A 84 -11.73 7.38 7.06
CA LYS A 84 -11.40 6.91 8.38
C LYS A 84 -10.70 5.57 8.22
N ALA A 85 -9.48 5.51 8.71
CA ALA A 85 -8.65 4.33 8.52
C ALA A 85 -8.30 3.69 9.86
N LEU A 86 -8.30 2.37 9.88
CA LEU A 86 -7.88 1.62 11.05
C LEU A 86 -7.04 0.46 10.59
N VAL A 87 -5.87 0.31 11.20
CA VAL A 87 -4.97 -0.79 10.89
C VAL A 87 -4.92 -1.69 12.12
N THR A 88 -5.14 -2.98 11.92
CA THR A 88 -5.06 -3.96 12.99
C THR A 88 -4.30 -5.17 12.47
N TRP A 89 -3.83 -5.99 13.39
CA TRP A 89 -3.27 -7.28 13.02
C TRP A 89 -4.41 -8.29 12.99
N GLU A 90 -4.45 -9.07 11.93
CA GLU A 90 -5.28 -10.27 11.86
C GLU A 90 -4.29 -11.41 11.64
N GLY A 91 -3.94 -12.11 12.71
CA GLY A 91 -2.80 -12.99 12.62
C GLY A 91 -1.55 -12.18 12.42
N ASP A 92 -0.74 -12.56 11.42
CA ASP A 92 0.45 -11.79 11.06
C ASP A 92 0.25 -10.95 9.82
N VAL A 93 -1.00 -10.66 9.45
CA VAL A 93 -1.34 -9.80 8.33
C VAL A 93 -1.76 -8.46 8.89
N LEU A 94 -1.20 -7.39 8.35
CA LEU A 94 -1.56 -6.04 8.72
C LEU A 94 -2.75 -5.66 7.84
N VAL A 95 -3.88 -5.33 8.46
CA VAL A 95 -5.14 -5.14 7.76
C VAL A 95 -5.61 -3.71 7.98
N CYS A 96 -5.86 -3.00 6.89
CA CYS A 96 -6.40 -1.65 6.97
C CYS A 96 -7.79 -1.62 6.35
N VAL A 97 -8.73 -1.05 7.09
CA VAL A 97 -10.05 -0.73 6.58
C VAL A 97 -10.13 0.78 6.45
N GLN A 98 -10.56 1.26 5.29
CA GLN A 98 -10.67 2.69 4.96
C GLN A 98 -12.15 3.00 4.70
N LYS A 99 -12.85 3.50 5.71
CA LYS A 99 -14.27 3.79 5.59
C LYS A 99 -14.49 5.18 5.00
N GLY A 100 -15.38 5.27 4.03
CA GLY A 100 -15.65 6.53 3.37
C GLY A 100 -16.49 6.32 2.14
N GLU A 101 -16.24 7.16 1.13
CA GLU A 101 -17.12 7.18 -0.04
C GLU A 101 -17.15 5.85 -0.77
N LYS A 102 -15.99 5.23 -0.94
CA LYS A 102 -15.88 3.98 -1.68
C LYS A 102 -16.18 2.81 -0.76
N GLU A 103 -16.97 1.88 -1.26
CA GLU A 103 -17.28 0.68 -0.50
C GLU A 103 -16.15 -0.34 -0.64
N ASN A 104 -15.97 -1.13 0.40
CA ASN A 104 -15.04 -2.25 0.39
C ASN A 104 -13.62 -1.79 0.07
N ARG A 105 -13.17 -0.73 0.75
CA ARG A 105 -11.87 -0.12 0.49
C ARG A 105 -10.94 -0.46 1.64
N GLY A 106 -9.74 -0.94 1.32
CA GLY A 106 -8.76 -1.21 2.33
C GLY A 106 -7.54 -1.88 1.72
N TRP A 107 -6.70 -2.42 2.59
CA TRP A 107 -5.51 -3.13 2.12
C TRP A 107 -5.08 -4.12 3.17
N LYS A 108 -4.29 -5.11 2.73
CA LYS A 108 -3.71 -6.13 3.60
C LYS A 108 -2.25 -6.30 3.19
N GLN A 109 -1.35 -6.29 4.17
CA GLN A 109 0.08 -6.30 3.89
C GLN A 109 0.76 -7.30 4.81
N TRP A 110 1.62 -8.16 4.25
CA TRP A 110 2.19 -9.19 5.10
C TRP A 110 3.50 -9.69 4.52
N ILE A 111 4.30 -10.26 5.41
CA ILE A 111 5.65 -10.74 5.12
C ILE A 111 5.59 -12.23 4.82
N GLU A 112 6.36 -12.68 3.82
CA GLU A 112 6.70 -14.10 3.68
C GLU A 112 8.19 -14.13 3.35
N GLY A 113 9.01 -14.45 4.33
CA GLY A 113 10.44 -14.49 4.09
C GLY A 113 10.98 -13.14 3.66
N ASP A 114 11.61 -13.09 2.48
CA ASP A 114 12.17 -11.85 1.97
C ASP A 114 11.20 -11.10 1.08
N LYS A 115 9.91 -11.46 1.11
CA LYS A 115 8.91 -10.84 0.27
C LYS A 115 7.86 -10.14 1.13
N LEU A 116 7.43 -8.98 0.66
N LEU A 116 7.39 -9.00 0.64
CA LEU A 116 6.29 -8.26 1.20
CA LEU A 116 6.28 -8.26 1.26
C LEU A 116 5.17 -8.37 0.19
C LEU A 116 5.12 -8.20 0.27
N TYR A 117 3.99 -8.77 0.66
CA TYR A 117 2.80 -8.86 -0.16
C TYR A 117 1.86 -7.75 0.26
N LEU A 118 1.22 -7.13 -0.72
CA LEU A 118 0.25 -6.08 -0.47
C LEU A 118 -0.91 -6.28 -1.42
N GLU A 119 -2.11 -6.42 -0.88
CA GLU A 119 -3.35 -6.47 -1.63
C GLU A 119 -4.14 -5.20 -1.37
N LEU A 120 -4.38 -4.43 -2.42
CA LEU A 120 -5.15 -3.19 -2.35
C LEU A 120 -6.53 -3.45 -2.92
N THR A 121 -7.56 -3.14 -2.15
CA THR A 121 -8.94 -3.40 -2.57
C THR A 121 -9.77 -2.12 -2.60
N CYS A 122 -10.59 -2.00 -3.64
CA CYS A 122 -11.60 -0.95 -3.71
C CYS A 122 -12.76 -1.50 -4.51
N GLY A 123 -13.91 -1.61 -3.87
CA GLY A 123 -15.09 -2.13 -4.54
C GLY A 123 -14.85 -3.55 -5.03
N ASP A 124 -15.07 -3.77 -6.31
CA ASP A 124 -14.88 -5.10 -6.89
C ASP A 124 -13.49 -5.29 -7.50
N GLN A 125 -12.53 -4.43 -7.21
CA GLN A 125 -11.18 -4.51 -7.79
C GLN A 125 -10.16 -4.80 -6.71
N VAL A 126 -9.30 -5.78 -6.98
CA VAL A 126 -8.19 -6.13 -6.11
C VAL A 126 -6.90 -6.04 -6.91
N CYS A 127 -5.93 -5.30 -6.37
CA CYS A 127 -4.60 -5.22 -6.94
C CYS A 127 -3.68 -6.00 -6.01
N ARG A 128 -2.85 -6.86 -6.59
N ARG A 128 -2.84 -6.87 -6.58
CA ARG A 128 -1.94 -7.71 -5.83
CA ARG A 128 -1.95 -7.71 -5.80
C ARG A 128 -0.53 -7.30 -6.20
C ARG A 128 -0.50 -7.40 -6.17
N GLN A 129 0.26 -6.91 -5.20
CA GLN A 129 1.63 -6.49 -5.40
C GLN A 129 2.56 -7.34 -4.57
N VAL A 130 3.76 -7.55 -5.08
CA VAL A 130 4.80 -8.27 -4.36
C VAL A 130 6.07 -7.45 -4.43
N PHE A 131 6.76 -7.31 -3.30
CA PHE A 131 8.00 -6.58 -3.20
C PHE A 131 9.05 -7.51 -2.61
N LYS A 132 10.30 -7.32 -3.01
CA LYS A 132 11.38 -8.10 -2.46
C LYS A 132 12.28 -7.20 -1.62
N LYS A 133 12.72 -7.72 -0.47
CA LYS A 133 13.61 -6.95 0.40
C LYS A 133 14.83 -6.49 -0.37
N LYS A 134 15.16 -5.21 -0.22
CA LYS A 134 16.27 -4.61 -0.96
C LYS A 134 17.54 -5.40 -0.72
N LEU A 135 18.29 -5.59 -1.82
CA LEU A 135 19.55 -6.33 -1.78
C LEU A 135 20.56 -5.56 -0.93
N VAL A 136 21.17 -6.25 0.02
CA VAL A 136 22.18 -5.65 0.90
C VAL A 136 23.47 -5.41 0.11
N PRO A 137 24.37 -4.57 0.62
CA PRO A 137 25.62 -4.31 -0.11
C PRO A 137 26.41 -5.58 -0.39
N ARG A 138 27.18 -5.54 -1.48
CA ARG A 138 28.00 -6.67 -1.89
C ARG A 138 29.09 -6.98 -0.85
O01 VLZ B . -0.04 1.17 0.73
O02 VLZ B . -1.74 2.54 0.64
O03 VLZ B . 1.19 1.86 4.02
O04 VLZ B . 1.78 -0.10 2.19
C05 VLZ B . 0.92 4.36 -5.03
C06 VLZ B . 1.91 5.51 -5.11
C07 VLZ B . 0.36 4.16 -3.62
C08 VLZ B . 2.54 5.52 -6.50
C09 VLZ B . -0.79 3.14 -3.61
C10 VLZ B . 2.03 6.67 -7.36
C11 VLZ B . -1.41 2.97 -2.22
C12 VLZ B . 0.64 6.38 -7.89
C13 VLZ B . -0.38 2.28 -1.35
C14 VLZ B . 0.17 7.53 -8.79
C15 VLZ B . -1.34 7.42 -9.01
C16 VLZ B . -0.82 2.05 0.07
C17 VLZ B . -0.16 1.19 2.14
C18 VLZ B . 0.68 2.30 2.77
C19 VLZ B . 0.44 -0.09 2.62
H031 VLZ B . 0.54 1.70 4.55
H041 VLZ B . 2.26 0.37 2.71
H051 VLZ B . 0.19 4.54 -5.64
H052 VLZ B . 1.36 3.54 -5.32
H062 VLZ B . 2.61 5.39 -4.44
H061 VLZ B . 1.46 6.35 -4.96
H072 VLZ B . 1.08 3.83 -3.04
H071 VLZ B . 0.04 5.01 -3.29
H081 VLZ B . 3.51 5.59 -6.42
H082 VLZ B . 2.34 4.68 -6.94
H091 VLZ B . -1.48 3.44 -4.23
H092 VLZ B . -0.46 2.28 -3.92
H102 VLZ B . 2.01 7.48 -6.82
H101 VLZ B . 2.64 6.80 -8.12
H112 VLZ B . -2.21 2.42 -2.28
H111 VLZ B . -1.64 3.83 -1.85
H121 VLZ B . 0.65 5.55 -8.41
H122 VLZ B . 0.02 6.28 -7.15
H131 VLZ B . 0.42 2.83 -1.34
H132 VLZ B . -0.16 1.43 -1.75
H141 VLZ B . 0.37 8.38 -8.35
H142 VLZ B . 0.63 7.49 -9.64
H153 VLZ B . -1.78 7.32 -8.16
H151 VLZ B . -1.52 6.64 -9.57
H152 VLZ B . -1.65 8.22 -9.46
H171 VLZ B . -1.08 1.26 2.41
H181 VLZ B . 0.13 3.08 2.91
H182 VLZ B . 1.42 2.52 2.18
H192 VLZ B . -0.03 -0.85 2.25
H191 VLZ B . 0.41 -0.14 3.60
#